data_1NFP
#
_entry.id   1NFP
#
_cell.length_a   56.930
_cell.length_b   92.230
_cell.length_c   99.230
_cell.angle_alpha   90.00
_cell.angle_beta   90.00
_cell.angle_gamma   90.00
#
_symmetry.space_group_name_H-M   'C 2 2 21'
#
loop_
_entity.id
_entity.type
_entity.pdbx_description
1 polymer 'LUXF GENE PRODUCT'
2 non-polymer 'SULFATE ION'
3 non-polymer 'FLAVIN MONONUCLEOTIDE'
4 non-polymer 'MYRISTIC ACID'
5 water water
#
_entity_poly.entity_id   1
_entity_poly.type   'polypeptide(L)'
_entity_poly.pdbx_seq_one_letter_code
;MTKWNYGVFFLNFYHVGQQEPSLTMSNALETLRIIDEDTSIYDVVAFSEHHIDKSYNDETKLAPFVSLGKQIHVLATSPE
TVVKAAKYGMPLLFKWDDSQQKRIELLNHYQAAAAKFNVDIANVRHRLMLFVNVNDNPTQAKAELSIYLEDYLSYTQAET
SIDEIINSNAAGNFDTCLHHVAEMAQGLNNKVDFLFCFESMKDQENKKSLMINFDKRVINYRKEHNLN
;
_entity_poly.pdbx_strand_id   A
#
# COMPACT_ATOMS: atom_id res chain seq x y z
N MET A 1 -12.49 17.56 4.38
CA MET A 1 -11.14 17.36 3.82
C MET A 1 -10.26 17.13 5.06
N THR A 2 -9.26 16.30 4.78
CA THR A 2 -8.34 15.98 5.89
C THR A 2 -6.97 15.76 5.30
N LYS A 3 -5.95 15.86 6.14
CA LYS A 3 -4.61 15.60 5.58
C LYS A 3 -4.42 14.12 5.36
N TRP A 4 -4.14 13.75 4.11
CA TRP A 4 -3.87 12.34 3.74
C TRP A 4 -2.33 12.19 3.96
N ASN A 5 -2.00 11.05 4.52
CA ASN A 5 -0.58 10.71 4.83
C ASN A 5 -0.12 9.63 3.86
N TYR A 6 1.20 9.76 3.59
CA TYR A 6 1.89 8.88 2.62
C TYR A 6 3.10 8.26 3.29
N GLY A 7 3.49 7.14 2.77
CA GLY A 7 4.66 6.37 3.25
C GLY A 7 5.01 5.45 2.07
N VAL A 8 5.93 4.56 2.41
CA VAL A 8 6.47 3.57 1.45
C VAL A 8 6.51 2.18 2.03
N PHE A 9 6.42 1.20 1.16
CA PHE A 9 6.57 -0.19 1.60
C PHE A 9 7.51 -0.89 0.61
N PHE A 10 8.10 -1.94 1.11
CA PHE A 10 8.94 -2.86 0.35
C PHE A 10 8.38 -4.24 0.51
N LEU A 11 8.40 -5.00 -0.57
CA LEU A 11 7.98 -6.39 -0.68
C LEU A 11 9.24 -7.19 -0.24
N ASN A 12 9.08 -7.94 0.84
CA ASN A 12 10.24 -8.76 1.34
C ASN A 12 10.17 -10.11 0.65
N PHE A 13 10.76 -10.11 -0.56
CA PHE A 13 10.74 -11.31 -1.46
C PHE A 13 11.99 -11.20 -2.35
N TYR A 14 12.66 -12.37 -2.51
CA TYR A 14 13.91 -12.29 -3.25
C TYR A 14 13.83 -12.26 -4.78
N HIS A 15 12.81 -12.78 -5.35
CA HIS A 15 12.68 -12.87 -6.83
C HIS A 15 11.60 -12.00 -7.45
N VAL A 16 12.02 -10.84 -7.92
CA VAL A 16 11.12 -9.88 -8.55
C VAL A 16 11.66 -9.45 -9.93
N GLY A 17 10.75 -9.52 -10.89
CA GLY A 17 11.04 -9.17 -12.28
C GLY A 17 12.38 -9.72 -12.82
N GLN A 18 12.70 -10.98 -12.57
CA GLN A 18 13.96 -11.60 -12.99
C GLN A 18 15.22 -10.82 -12.58
N GLN A 19 15.15 -10.05 -11.49
CA GLN A 19 16.31 -9.24 -11.06
C GLN A 19 17.14 -10.07 -10.07
N GLU A 20 18.45 -9.84 -10.13
CA GLU A 20 19.29 -10.58 -9.12
C GLU A 20 19.01 -9.82 -7.82
N PRO A 21 19.03 -10.57 -6.72
CA PRO A 21 18.80 -9.97 -5.40
C PRO A 21 19.56 -8.73 -5.10
N SER A 22 20.86 -8.68 -5.46
CA SER A 22 21.66 -7.49 -5.13
C SER A 22 21.21 -6.26 -5.93
N LEU A 23 20.60 -6.50 -7.09
CA LEU A 23 20.06 -5.38 -7.92
C LEU A 23 18.76 -4.83 -7.25
N THR A 24 17.89 -5.76 -6.86
CA THR A 24 16.66 -5.38 -6.13
C THR A 24 17.03 -4.63 -4.84
N MET A 25 18.04 -5.14 -4.09
CA MET A 25 18.51 -4.51 -2.88
C MET A 25 18.99 -3.09 -3.15
N SER A 26 19.85 -2.97 -4.18
CA SER A 26 20.42 -1.66 -4.58
C SER A 26 19.30 -0.67 -4.94
N ASN A 27 18.29 -1.14 -5.68
CA ASN A 27 17.16 -0.26 -6.09
C ASN A 27 16.41 0.24 -4.84
N ALA A 28 16.23 -0.71 -3.93
CA ALA A 28 15.52 -0.36 -2.68
C ALA A 28 16.27 0.68 -1.86
N LEU A 29 17.61 0.54 -1.80
CA LEU A 29 18.42 1.55 -1.07
C LEU A 29 18.33 2.94 -1.61
N GLU A 30 18.09 3.02 -2.93
CA GLU A 30 17.95 4.30 -3.61
C GLU A 30 16.62 4.92 -3.16
N THR A 31 15.63 4.08 -3.00
CA THR A 31 14.30 4.58 -2.56
C THR A 31 14.43 5.18 -1.18
N LEU A 32 15.15 4.46 -0.31
CA LEU A 32 15.42 4.94 1.06
C LEU A 32 16.17 6.28 1.05
N ARG A 33 17.17 6.33 0.18
CA ARG A 33 17.98 7.52 0.00
C ARG A 33 17.11 8.68 -0.40
N ILE A 34 16.17 8.49 -1.32
CA ILE A 34 15.29 9.58 -1.79
C ILE A 34 14.36 10.10 -0.68
N ILE A 35 13.90 9.16 0.15
CA ILE A 35 13.00 9.47 1.28
C ILE A 35 13.68 10.26 2.38
N ASP A 36 14.97 9.98 2.57
CA ASP A 36 15.76 10.61 3.65
C ASP A 36 16.34 11.95 3.23
N GLU A 37 16.82 12.05 2.01
CA GLU A 37 17.45 13.24 1.50
C GLU A 37 16.68 14.13 0.54
N ASP A 38 15.88 13.55 -0.32
CA ASP A 38 15.23 14.34 -1.38
C ASP A 38 13.81 14.80 -1.15
N THR A 39 13.13 14.20 -0.19
CA THR A 39 11.71 14.54 0.01
C THR A 39 11.37 14.59 1.49
N SER A 40 10.14 14.98 1.79
CA SER A 40 9.73 15.03 3.21
C SER A 40 8.41 14.37 3.48
N ILE A 41 7.59 14.12 2.44
CA ILE A 41 6.28 13.52 2.75
C ILE A 41 6.15 12.08 3.13
N TYR A 42 7.13 11.23 2.79
CA TYR A 42 7.12 9.78 3.00
C TYR A 42 7.49 9.55 4.46
N ASP A 43 6.43 9.46 5.24
CA ASP A 43 6.53 9.39 6.69
C ASP A 43 7.01 8.11 7.38
N VAL A 44 6.61 6.97 6.88
CA VAL A 44 6.88 5.68 7.48
C VAL A 44 7.20 4.67 6.37
N VAL A 45 7.86 3.63 6.77
CA VAL A 45 8.22 2.50 5.91
C VAL A 45 7.65 1.23 6.56
N ALA A 46 7.17 0.32 5.74
CA ALA A 46 6.66 -0.97 6.21
C ALA A 46 7.16 -2.05 5.21
N PHE A 47 6.95 -3.29 5.57
CA PHE A 47 7.33 -4.43 4.70
C PHE A 47 6.07 -5.24 4.41
N SER A 48 5.97 -5.78 3.21
CA SER A 48 4.90 -6.71 2.82
C SER A 48 5.52 -8.09 3.03
N GLU A 49 4.96 -8.87 3.97
CA GLU A 49 5.49 -10.18 4.33
C GLU A 49 4.44 -11.23 4.63
N HIS A 50 3.23 -10.96 4.17
CA HIS A 50 2.13 -11.92 4.40
C HIS A 50 2.12 -13.11 3.47
N HIS A 51 3.14 -13.27 2.61
CA HIS A 51 3.30 -14.42 1.76
C HIS A 51 3.90 -15.57 2.57
N ILE A 52 4.39 -15.25 3.76
CA ILE A 52 5.00 -16.26 4.67
C ILE A 52 4.02 -16.66 5.78
N ASP A 53 3.88 -17.94 6.02
CA ASP A 53 2.96 -18.34 7.13
C ASP A 53 3.67 -18.08 8.47
N LYS A 54 3.03 -17.38 9.37
CA LYS A 54 3.61 -17.09 10.69
C LYS A 54 2.73 -17.77 11.76
N SER A 55 3.01 -19.03 11.99
CA SER A 55 2.25 -19.83 12.95
C SER A 55 3.18 -20.44 14.00
N TYR A 56 2.53 -20.75 15.10
CA TYR A 56 3.12 -21.40 16.26
C TYR A 56 2.99 -22.90 15.97
N ASN A 57 3.57 -23.62 16.93
CA ASN A 57 3.54 -25.09 16.84
C ASN A 57 2.15 -25.70 16.95
N ASP A 58 1.23 -25.08 17.65
CA ASP A 58 -0.12 -25.62 17.83
C ASP A 58 -1.12 -25.13 16.80
N GLU A 59 -0.58 -24.49 15.76
CA GLU A 59 -1.42 -23.98 14.66
C GLU A 59 -2.08 -22.65 14.99
N THR A 60 -1.76 -22.10 16.16
CA THR A 60 -2.28 -20.75 16.43
C THR A 60 -1.32 -19.86 15.60
N LYS A 61 -1.79 -18.67 15.26
CA LYS A 61 -1.06 -17.75 14.39
C LYS A 61 -0.54 -16.50 15.09
N LEU A 62 0.58 -15.99 14.57
CA LEU A 62 1.10 -14.72 15.11
C LEU A 62 0.02 -13.65 14.84
N ALA A 63 -0.28 -12.78 15.78
CA ALA A 63 -1.31 -11.71 15.59
C ALA A 63 -0.73 -10.73 14.59
N PRO A 64 -1.51 -10.37 13.55
CA PRO A 64 -1.03 -9.50 12.47
C PRO A 64 -0.98 -8.04 12.72
N PHE A 65 -0.21 -7.67 13.76
CA PHE A 65 0.00 -6.26 14.14
C PHE A 65 1.16 -5.70 13.31
N VAL A 66 1.05 -4.45 12.90
CA VAL A 66 2.08 -3.77 12.11
C VAL A 66 2.25 -2.37 12.71
N SER A 67 3.47 -1.99 13.06
CA SER A 67 3.62 -0.63 13.56
C SER A 67 4.06 0.26 12.40
N LEU A 68 3.46 1.41 12.34
CA LEU A 68 3.80 2.46 11.37
C LEU A 68 4.21 3.64 12.22
N GLY A 69 5.51 3.80 12.45
CA GLY A 69 5.92 4.98 13.27
C GLY A 69 5.56 4.53 14.71
N LYS A 70 4.65 5.27 15.32
CA LYS A 70 4.22 4.87 16.67
C LYS A 70 2.77 4.33 16.69
N GLN A 71 2.12 4.19 15.57
CA GLN A 71 0.75 3.74 15.34
C GLN A 71 0.68 2.26 14.98
N ILE A 72 -0.10 1.51 15.71
CA ILE A 72 -0.29 0.09 15.51
C ILE A 72 -1.57 -0.14 14.68
N HIS A 73 -1.28 -0.88 13.63
CA HIS A 73 -2.36 -1.26 12.66
C HIS A 73 -2.50 -2.75 12.65
N VAL A 74 -3.67 -3.26 12.25
CA VAL A 74 -3.88 -4.72 12.15
C VAL A 74 -3.97 -4.99 10.64
N LEU A 75 -3.24 -5.91 10.12
CA LEU A 75 -3.31 -6.28 8.68
C LEU A 75 -4.72 -6.88 8.50
N ALA A 76 -5.44 -6.36 7.54
CA ALA A 76 -6.85 -6.80 7.28
C ALA A 76 -6.79 -8.10 6.53
N THR A 77 -6.51 -9.19 7.23
CA THR A 77 -6.31 -10.51 6.66
C THR A 77 -7.56 -11.35 6.46
N SER A 78 -8.64 -10.97 7.12
CA SER A 78 -9.89 -11.80 7.01
C SER A 78 -10.97 -11.01 7.72
N PRO A 79 -12.23 -11.35 7.44
CA PRO A 79 -13.35 -10.66 8.11
C PRO A 79 -13.22 -10.84 9.63
N GLU A 80 -12.86 -12.02 10.11
CA GLU A 80 -12.72 -12.22 11.57
C GLU A 80 -11.64 -11.36 12.22
N THR A 81 -10.52 -11.18 11.51
CA THR A 81 -9.43 -10.38 12.04
C THR A 81 -9.84 -8.91 12.10
N VAL A 82 -10.61 -8.48 11.08
CA VAL A 82 -11.05 -7.08 11.09
C VAL A 82 -12.03 -6.84 12.26
N VAL A 83 -12.81 -7.84 12.61
CA VAL A 83 -13.73 -7.69 13.77
C VAL A 83 -12.91 -7.55 15.08
N LYS A 84 -11.80 -8.27 15.20
CA LYS A 84 -10.93 -8.16 16.37
C LYS A 84 -10.32 -6.78 16.44
N ALA A 85 -9.96 -6.18 15.30
CA ALA A 85 -9.47 -4.81 15.30
C ALA A 85 -10.58 -3.82 15.69
N ALA A 86 -11.79 -4.10 15.18
CA ALA A 86 -12.92 -3.18 15.48
C ALA A 86 -13.20 -3.15 16.99
N LYS A 87 -13.01 -4.25 17.65
CA LYS A 87 -13.30 -4.35 19.11
C LYS A 87 -12.58 -3.27 19.91
N TYR A 88 -11.35 -2.96 19.45
CA TYR A 88 -10.54 -1.94 20.09
C TYR A 88 -10.43 -0.64 19.34
N GLY A 89 -11.16 -0.48 18.25
CA GLY A 89 -11.08 0.74 17.44
C GLY A 89 -9.71 0.91 16.80
N MET A 90 -8.99 -0.14 16.51
CA MET A 90 -7.63 -0.06 15.91
C MET A 90 -7.75 0.10 14.38
N PRO A 91 -6.80 0.82 13.80
CA PRO A 91 -6.79 1.04 12.34
C PRO A 91 -6.31 -0.20 11.64
N LEU A 92 -6.79 -0.32 10.37
CA LEU A 92 -6.43 -1.49 9.56
C LEU A 92 -5.32 -1.08 8.56
N LEU A 93 -4.71 -2.12 8.07
CA LEU A 93 -3.73 -2.04 7.00
C LEU A 93 -4.25 -3.01 5.90
N PHE A 94 -4.65 -2.41 4.77
CA PHE A 94 -5.16 -3.11 3.61
C PHE A 94 -4.02 -3.58 2.67
N LYS A 95 -4.13 -4.84 2.32
CA LYS A 95 -3.15 -5.50 1.43
C LYS A 95 -3.27 -5.04 0.00
N TRP A 96 -2.15 -4.82 -0.66
CA TRP A 96 -2.12 -4.40 -2.08
C TRP A 96 -2.57 -5.55 -2.97
N ASP A 97 -2.44 -6.78 -2.53
CA ASP A 97 -2.71 -8.00 -3.24
C ASP A 97 -4.14 -8.49 -3.07
N ASP A 98 -4.94 -7.69 -2.37
CA ASP A 98 -6.42 -8.00 -2.27
C ASP A 98 -7.04 -7.09 -3.36
N SER A 99 -8.05 -7.59 -4.08
CA SER A 99 -8.72 -6.72 -5.09
C SER A 99 -9.41 -5.56 -4.37
N GLN A 100 -9.65 -4.46 -5.02
CA GLN A 100 -10.31 -3.27 -4.46
C GLN A 100 -11.69 -3.69 -3.86
N GLN A 101 -12.35 -4.60 -4.53
CA GLN A 101 -13.69 -5.09 -4.14
C GLN A 101 -13.61 -5.75 -2.77
N LYS A 102 -12.57 -6.53 -2.55
CA LYS A 102 -12.35 -7.24 -1.28
C LYS A 102 -12.02 -6.23 -0.19
N ARG A 103 -11.20 -5.22 -0.46
CA ARG A 103 -10.86 -4.17 0.50
C ARG A 103 -12.14 -3.46 0.99
N ILE A 104 -12.97 -3.12 -0.01
CA ILE A 104 -14.25 -2.44 0.33
C ILE A 104 -15.11 -3.37 1.20
N GLU A 105 -15.20 -4.63 0.88
CA GLU A 105 -15.99 -5.56 1.72
C GLU A 105 -15.47 -5.55 3.17
N LEU A 106 -14.14 -5.67 3.28
CA LEU A 106 -13.47 -5.67 4.60
C LEU A 106 -13.65 -4.40 5.38
N LEU A 107 -13.50 -3.24 4.79
CA LEU A 107 -13.72 -1.99 5.53
C LEU A 107 -15.16 -1.90 6.09
N ASN A 108 -16.13 -2.31 5.24
CA ASN A 108 -17.57 -2.23 5.66
C ASN A 108 -17.87 -3.25 6.75
N HIS A 109 -17.25 -4.36 6.72
CA HIS A 109 -17.37 -5.42 7.75
C HIS A 109 -16.83 -4.87 9.08
N TYR A 110 -15.71 -4.14 8.98
CA TYR A 110 -15.09 -3.47 10.14
C TYR A 110 -16.04 -2.43 10.73
N GLN A 111 -16.62 -1.61 9.83
CA GLN A 111 -17.57 -0.57 10.21
C GLN A 111 -18.83 -1.19 10.84
N ALA A 112 -19.28 -2.33 10.35
CA ALA A 112 -20.45 -3.01 10.92
C ALA A 112 -20.14 -3.46 12.36
N ALA A 113 -18.94 -4.05 12.55
CA ALA A 113 -18.46 -4.54 13.84
C ALA A 113 -18.44 -3.45 14.90
N ALA A 114 -17.80 -2.35 14.61
CA ALA A 114 -17.67 -1.20 15.47
C ALA A 114 -19.07 -0.71 15.88
N ALA A 115 -19.97 -0.68 14.90
CA ALA A 115 -21.35 -0.17 15.17
C ALA A 115 -22.01 -1.13 16.16
N LYS A 116 -21.83 -2.42 15.92
CA LYS A 116 -22.35 -3.47 16.78
C LYS A 116 -21.76 -3.39 18.20
N PHE A 117 -20.46 -3.12 18.32
CA PHE A 117 -19.83 -3.07 19.66
C PHE A 117 -19.97 -1.70 20.31
N ASN A 118 -20.48 -0.76 19.55
CA ASN A 118 -20.63 0.62 19.94
C ASN A 118 -19.25 1.27 20.21
N VAL A 119 -18.34 1.07 19.27
CA VAL A 119 -16.99 1.65 19.33
C VAL A 119 -16.94 2.85 18.37
N ASP A 120 -16.55 4.00 18.83
CA ASP A 120 -16.45 5.21 18.03
C ASP A 120 -15.14 5.14 17.21
N ILE A 121 -15.28 5.05 15.90
CA ILE A 121 -14.14 5.00 14.98
C ILE A 121 -14.14 6.22 14.07
N ALA A 122 -14.84 7.25 14.50
CA ALA A 122 -14.98 8.49 13.72
C ALA A 122 -13.65 9.02 13.19
N ASN A 123 -12.68 9.00 14.07
CA ASN A 123 -11.34 9.53 13.84
C ASN A 123 -10.33 8.54 13.26
N VAL A 124 -10.66 7.26 13.18
CA VAL A 124 -9.74 6.26 12.65
C VAL A 124 -9.45 6.43 11.16
N ARG A 125 -8.16 6.38 10.86
CA ARG A 125 -7.73 6.40 9.44
C ARG A 125 -6.91 5.13 9.27
N HIS A 126 -7.21 4.40 8.23
CA HIS A 126 -6.53 3.16 7.85
C HIS A 126 -5.40 3.48 6.86
N ARG A 127 -4.66 2.39 6.55
CA ARG A 127 -3.55 2.61 5.57
C ARG A 127 -3.80 1.61 4.43
N LEU A 128 -3.55 2.04 3.23
CA LEU A 128 -3.74 1.15 2.08
C LEU A 128 -2.38 1.01 1.37
N MET A 129 -1.98 -0.21 1.16
CA MET A 129 -0.72 -0.48 0.44
C MET A 129 -1.05 -0.55 -1.08
N LEU A 130 -0.30 0.18 -1.89
CA LEU A 130 -0.50 0.12 -3.33
C LEU A 130 0.86 0.07 -4.04
N PHE A 131 0.92 -0.73 -5.08
CA PHE A 131 2.10 -0.73 -5.98
C PHE A 131 1.85 0.47 -6.93
N VAL A 132 2.86 1.28 -7.18
CA VAL A 132 2.76 2.42 -8.07
C VAL A 132 3.86 2.30 -9.18
N ASN A 133 3.40 2.32 -10.42
CA ASN A 133 4.39 2.32 -11.54
C ASN A 133 3.88 3.46 -12.47
N VAL A 134 4.55 4.57 -12.52
CA VAL A 134 4.21 5.69 -13.39
C VAL A 134 5.16 5.73 -14.61
N ASN A 135 4.54 5.74 -15.80
CA ASN A 135 5.34 5.84 -17.05
C ASN A 135 4.55 6.73 -18.04
N ASP A 136 5.23 7.61 -18.78
CA ASP A 136 4.50 8.44 -19.77
C ASP A 136 3.75 7.55 -20.77
N ASN A 137 4.32 6.37 -21.00
CA ASN A 137 3.71 5.36 -21.89
C ASN A 137 2.98 4.36 -20.96
N PRO A 138 1.65 4.46 -20.91
CA PRO A 138 0.81 3.64 -20.02
C PRO A 138 1.05 2.16 -20.07
N THR A 139 1.17 1.64 -21.29
CA THR A 139 1.45 0.25 -21.60
C THR A 139 2.73 -0.24 -20.90
N GLN A 140 3.77 0.54 -20.95
CA GLN A 140 5.05 0.22 -20.32
C GLN A 140 4.94 0.15 -18.78
N ALA A 141 4.16 1.01 -18.16
CA ALA A 141 4.01 0.97 -16.69
C ALA A 141 3.42 -0.38 -16.28
N LYS A 142 2.38 -0.77 -17.03
CA LYS A 142 1.70 -2.05 -16.79
C LYS A 142 2.57 -3.27 -17.02
N ALA A 143 3.33 -3.19 -18.10
CA ALA A 143 4.19 -4.36 -18.42
C ALA A 143 5.22 -4.52 -17.27
N GLU A 144 5.79 -3.40 -16.86
CA GLU A 144 6.80 -3.44 -15.78
C GLU A 144 6.25 -4.02 -14.48
N LEU A 145 5.04 -3.54 -14.13
CA LEU A 145 4.44 -4.06 -12.88
C LEU A 145 4.18 -5.54 -12.98
N SER A 146 3.71 -5.96 -14.18
CA SER A 146 3.39 -7.37 -14.41
C SER A 146 4.59 -8.29 -14.30
N ILE A 147 5.69 -7.88 -14.92
CA ILE A 147 6.93 -8.68 -14.91
C ILE A 147 7.48 -8.74 -13.47
N TYR A 148 7.43 -7.61 -12.80
CA TYR A 148 7.92 -7.57 -11.41
C TYR A 148 7.23 -8.59 -10.50
N LEU A 149 5.91 -8.68 -10.58
CA LEU A 149 5.09 -9.54 -9.75
C LEU A 149 4.90 -10.98 -10.13
N GLU A 150 5.30 -11.38 -11.32
CA GLU A 150 5.05 -12.75 -11.78
C GLU A 150 5.49 -13.83 -10.82
N ASP A 151 6.73 -13.83 -10.34
CA ASP A 151 7.16 -14.91 -9.41
C ASP A 151 6.40 -14.90 -8.09
N TYR A 152 6.09 -13.75 -7.52
CA TYR A 152 5.38 -13.64 -6.27
C TYR A 152 3.97 -14.20 -6.40
N LEU A 153 3.27 -13.89 -7.48
CA LEU A 153 1.87 -14.38 -7.69
C LEU A 153 1.87 -15.89 -7.84
N SER A 154 2.89 -16.37 -8.51
CA SER A 154 3.12 -17.79 -8.74
C SER A 154 3.43 -18.50 -7.42
N TYR A 155 4.24 -17.90 -6.57
CA TYR A 155 4.62 -18.43 -5.27
C TYR A 155 3.40 -18.51 -4.33
N THR A 156 2.63 -17.44 -4.35
CA THR A 156 1.47 -17.34 -3.49
C THR A 156 0.28 -18.08 -4.08
N GLN A 157 0.42 -18.59 -5.29
CA GLN A 157 -0.70 -19.29 -5.95
C GLN A 157 -1.96 -18.42 -5.87
N ALA A 158 -1.81 -17.16 -6.22
CA ALA A 158 -2.89 -16.17 -6.19
C ALA A 158 -4.05 -16.58 -7.10
N GLU A 159 -5.28 -16.33 -6.63
CA GLU A 159 -6.44 -16.66 -7.48
C GLU A 159 -6.65 -15.51 -8.48
N THR A 160 -6.41 -14.31 -8.01
CA THR A 160 -6.46 -13.01 -8.53
C THR A 160 -6.59 -12.57 -9.97
N SER A 161 -5.59 -12.86 -10.77
CA SER A 161 -5.55 -12.36 -12.16
C SER A 161 -4.73 -11.06 -11.96
N ILE A 162 -3.63 -11.06 -12.67
CA ILE A 162 -2.67 -9.96 -12.64
C ILE A 162 -3.39 -8.70 -13.13
N ASP A 163 -4.47 -8.92 -13.86
CA ASP A 163 -5.26 -7.85 -14.41
C ASP A 163 -5.97 -7.07 -13.31
N GLU A 164 -6.47 -7.95 -12.43
CA GLU A 164 -7.22 -7.41 -11.28
C GLU A 164 -6.25 -6.71 -10.31
N ILE A 165 -5.13 -7.39 -10.20
CA ILE A 165 -4.09 -6.86 -9.30
C ILE A 165 -3.73 -5.49 -9.82
N ILE A 166 -3.47 -5.43 -11.13
CA ILE A 166 -3.11 -4.17 -11.78
C ILE A 166 -4.20 -3.12 -11.55
N ASN A 167 -5.43 -3.49 -11.81
CA ASN A 167 -6.55 -2.56 -11.66
C ASN A 167 -6.72 -2.04 -10.22
N SER A 168 -6.32 -2.91 -9.31
CA SER A 168 -6.41 -2.60 -7.88
C SER A 168 -5.19 -1.88 -7.35
N ASN A 169 -4.21 -1.61 -8.17
CA ASN A 169 -2.97 -0.89 -7.81
C ASN A 169 -2.93 0.30 -8.75
N ALA A 170 -1.78 0.88 -9.02
CA ALA A 170 -1.69 2.07 -9.87
C ALA A 170 -0.54 1.97 -10.86
N ALA A 171 -0.85 1.68 -12.10
CA ALA A 171 0.11 1.57 -13.24
C ALA A 171 -0.43 2.47 -14.35
N GLY A 172 0.38 3.38 -14.84
CA GLY A 172 -0.07 4.28 -15.95
C GLY A 172 0.70 5.57 -15.95
N ASN A 173 0.16 6.59 -16.60
CA ASN A 173 0.85 7.90 -16.62
C ASN A 173 0.47 8.58 -15.28
N PHE A 174 1.14 9.63 -14.94
CA PHE A 174 0.97 10.36 -13.68
C PHE A 174 -0.47 10.78 -13.42
N ASP A 175 -1.06 11.50 -14.37
CA ASP A 175 -2.45 11.95 -14.18
C ASP A 175 -3.44 10.82 -13.98
N THR A 176 -3.30 9.74 -14.72
CA THR A 176 -4.19 8.59 -14.58
C THR A 176 -4.12 7.99 -13.15
N CYS A 177 -2.88 7.83 -12.66
CA CYS A 177 -2.60 7.26 -11.35
C CYS A 177 -3.17 8.15 -10.24
N LEU A 178 -3.02 9.45 -10.31
CA LEU A 178 -3.50 10.43 -9.35
C LEU A 178 -5.00 10.22 -9.12
N HIS A 179 -5.70 10.30 -10.24
CA HIS A 179 -7.15 10.08 -10.31
C HIS A 179 -7.58 8.69 -9.89
N HIS A 180 -6.92 7.63 -10.35
CA HIS A 180 -7.26 6.25 -10.05
C HIS A 180 -7.12 6.00 -8.54
N VAL A 181 -6.05 6.55 -7.98
CA VAL A 181 -5.84 6.40 -6.54
C VAL A 181 -6.92 7.15 -5.76
N ALA A 182 -7.24 8.38 -6.15
CA ALA A 182 -8.29 9.17 -5.49
C ALA A 182 -9.63 8.41 -5.54
N GLU A 183 -9.87 7.76 -6.64
CA GLU A 183 -11.08 6.95 -6.86
C GLU A 183 -11.16 5.80 -5.85
N MET A 184 -10.02 5.08 -5.73
CA MET A 184 -9.93 3.97 -4.80
C MET A 184 -10.17 4.47 -3.37
N ALA A 185 -9.61 5.58 -3.00
CA ALA A 185 -9.76 6.15 -1.67
C ALA A 185 -11.28 6.40 -1.44
N GLN A 186 -11.92 6.93 -2.46
CA GLN A 186 -13.36 7.25 -2.35
C GLN A 186 -14.16 5.97 -2.09
N GLY A 187 -13.80 4.91 -2.71
CA GLY A 187 -14.31 3.55 -2.60
C GLY A 187 -14.16 3.08 -1.14
N LEU A 188 -13.16 3.59 -0.45
CA LEU A 188 -12.88 3.27 0.93
C LEU A 188 -13.25 4.41 1.89
N ASN A 189 -14.28 5.13 1.50
CA ASN A 189 -14.86 6.25 2.24
C ASN A 189 -13.87 7.35 2.53
N ASN A 190 -12.79 7.51 1.80
CA ASN A 190 -11.81 8.56 2.10
C ASN A 190 -11.21 8.41 3.52
N LYS A 191 -11.17 7.17 3.98
CA LYS A 191 -10.64 6.87 5.33
C LYS A 191 -9.26 6.19 5.29
N VAL A 192 -8.57 6.32 4.15
CA VAL A 192 -7.27 5.66 4.01
C VAL A 192 -6.10 6.59 3.67
N ASP A 193 -5.04 6.36 4.47
CA ASP A 193 -3.72 6.96 4.23
C ASP A 193 -3.04 5.87 3.34
N PHE A 194 -1.83 6.18 2.86
CA PHE A 194 -1.23 5.20 1.95
C PHE A 194 0.23 4.77 2.25
N LEU A 195 0.54 3.65 1.68
CA LEU A 195 1.92 3.13 1.64
C LEU A 195 2.10 2.74 0.14
N PHE A 196 3.08 3.37 -0.48
CA PHE A 196 3.39 3.03 -1.88
C PHE A 196 4.68 2.20 -2.05
N CYS A 197 4.57 1.26 -2.98
CA CYS A 197 5.76 0.46 -3.35
C CYS A 197 6.13 0.86 -4.82
N PHE A 198 7.29 1.50 -4.95
CA PHE A 198 7.80 1.96 -6.25
C PHE A 198 8.80 0.98 -6.90
N GLU A 199 9.04 -0.15 -6.32
CA GLU A 199 10.11 -1.04 -6.77
C GLU A 199 9.99 -1.62 -8.14
N SER A 200 8.80 -1.58 -8.75
CA SER A 200 8.60 -2.09 -10.09
C SER A 200 9.11 -1.10 -11.12
N MET A 201 9.36 0.13 -10.80
CA MET A 201 9.91 1.14 -11.72
C MET A 201 11.38 0.77 -11.98
N LYS A 202 11.70 0.28 -13.16
CA LYS A 202 13.07 -0.13 -13.51
C LYS A 202 14.04 1.04 -13.52
N ASP A 203 13.63 2.16 -14.09
CA ASP A 203 14.46 3.36 -14.17
C ASP A 203 14.47 4.17 -12.87
N GLN A 204 15.68 4.16 -12.28
CA GLN A 204 15.89 4.83 -10.98
C GLN A 204 15.71 6.31 -11.02
N GLU A 205 16.02 6.89 -12.19
CA GLU A 205 15.85 8.37 -12.34
C GLU A 205 14.38 8.76 -12.41
N ASN A 206 13.62 7.92 -13.12
CA ASN A 206 12.15 8.10 -13.27
C ASN A 206 11.54 7.96 -11.86
N LYS A 207 11.98 6.94 -11.13
CA LYS A 207 11.47 6.72 -9.76
C LYS A 207 11.72 7.98 -8.92
N LYS A 208 12.95 8.48 -8.96
CA LYS A 208 13.39 9.68 -8.22
C LYS A 208 12.56 10.91 -8.55
N SER A 209 12.44 11.16 -9.85
CA SER A 209 11.66 12.28 -10.40
C SER A 209 10.19 12.19 -9.97
N LEU A 210 9.63 11.01 -10.04
CA LEU A 210 8.23 10.81 -9.63
C LEU A 210 8.05 11.16 -8.13
N MET A 211 8.93 10.56 -7.30
CA MET A 211 8.84 10.78 -5.85
C MET A 211 8.99 12.22 -5.44
N ILE A 212 9.89 12.93 -6.11
CA ILE A 212 10.09 14.35 -5.84
C ILE A 212 8.92 15.19 -6.38
N ASN A 213 8.39 14.88 -7.54
CA ASN A 213 7.28 15.69 -8.11
C ASN A 213 6.03 15.59 -7.23
N PHE A 214 5.80 14.37 -6.79
CA PHE A 214 4.65 14.09 -5.92
C PHE A 214 4.84 14.82 -4.58
N ASP A 215 6.04 14.75 -4.01
CA ASP A 215 6.35 15.42 -2.74
C ASP A 215 5.96 16.89 -2.80
N LYS A 216 6.41 17.58 -3.83
CA LYS A 216 6.09 19.01 -4.05
C LYS A 216 4.60 19.35 -4.26
N ARG A 217 3.94 18.50 -5.00
CA ARG A 217 2.51 18.65 -5.27
C ARG A 217 1.69 18.53 -3.98
N VAL A 218 2.05 17.56 -3.14
CA VAL A 218 1.36 17.31 -1.85
C VAL A 218 1.60 18.49 -0.90
N ILE A 219 2.83 18.98 -0.90
CA ILE A 219 3.13 20.11 0.01
C ILE A 219 2.28 21.31 -0.38
N ASN A 220 2.16 21.50 -1.69
CA ASN A 220 1.37 22.67 -2.19
C ASN A 220 -0.10 22.46 -1.84
N TYR A 221 -0.61 21.28 -2.07
CA TYR A 221 -2.02 20.96 -1.80
C TYR A 221 -2.38 21.20 -0.34
N ARG A 222 -1.51 20.74 0.54
CA ARG A 222 -1.72 20.87 1.98
C ARG A 222 -1.83 22.35 2.33
N LYS A 223 -0.94 23.13 1.77
CA LYS A 223 -0.91 24.58 2.04
C LYS A 223 -2.17 25.29 1.53
N GLU A 224 -2.55 24.96 0.33
CA GLU A 224 -3.69 25.54 -0.38
C GLU A 224 -4.99 25.26 0.35
N HIS A 225 -5.12 24.07 0.92
CA HIS A 225 -6.27 23.62 1.67
C HIS A 225 -6.20 23.73 3.17
N ASN A 226 -5.12 24.32 3.69
CA ASN A 226 -4.99 24.51 5.14
C ASN A 226 -5.06 23.13 5.82
N LEU A 227 -4.33 22.21 5.20
CA LEU A 227 -4.26 20.85 5.74
C LEU A 227 -3.08 20.70 6.69
N ASN A 228 -2.02 21.49 6.55
CA ASN A 228 -0.88 21.29 7.49
C ASN A 228 -1.26 21.75 8.89
#